data_4BF7
#
_entry.id   4BF7
#
_cell.length_a   62.900
_cell.length_b   72.370
_cell.length_c   98.380
_cell.angle_alpha   90.00
_cell.angle_beta   90.00
_cell.angle_gamma   90.00
#
_symmetry.space_group_name_H-M   'P 21 21 21'
#
loop_
_entity.id
_entity.type
_entity.pdbx_description
1 polymer 'ARABINOGALACTAN ENDO-1,4-BETA-GALACTOSIDASE A'
2 non-polymer 'ZINC ION'
3 non-polymer 2-acetamido-2-deoxy-beta-D-glucopyranose
4 non-polymer 'ACETATE ION'
5 non-polymer IMIDAZOLE
6 non-polymer GLYCEROL
7 water water
#
_entity_poly.entity_id   1
_entity_poly.type   'polypeptide(L)'
_entity_poly.pdbx_seq_one_letter_code
;MILSSLLPLSLVTLTSAALTYRGADISSLLIEEDSGVAYKNLNGETQAFELILANNGVNSIRQRIWVNPSDGSYNLEYNL
ELAKRVQDAGMSVYLDLHLSDTWADPGDQATPSGWSTTDIDTLAWQVYNYTLDVCNTFAENNVAVEIVSIGNEIRNGLLH
PLGSTDHYDNIARLLHSGAWGVKDSSLSTTPKILFHLDNGWDWDAQKYFYDTVLATGTLLSTDFDLIGVSYYPFYNADAT
LSSLKTSLTNLKSNYGKNVLVVETDWPVQCSSPEYAFPSDLSSIPFSADGQETFLGRLADTLEDVGGVGIYYWEPGWVDN
AGLGSSCEDNLMVDWRDRTVRESISVFGDLAA
;
_entity_poly.pdbx_strand_id   A
#
loop_
_chem_comp.id
_chem_comp.type
_chem_comp.name
_chem_comp.formula
ACT non-polymer 'ACETATE ION' 'C2 H3 O2 -1'
GOL non-polymer GLYCEROL 'C3 H8 O3'
IMD non-polymer IMIDAZOLE 'C3 H5 N2 1'
NAG D-saccharide, beta linking 2-acetamido-2-deoxy-beta-D-glucopyranose 'C8 H15 N O6'
ZN non-polymer 'ZINC ION' 'Zn 2'
#
# COMPACT_ATOMS: atom_id res chain seq x y z
N ALA A 18 2.89 2.61 20.40
CA ALA A 18 1.70 2.64 19.51
C ALA A 18 2.08 3.02 18.07
N LEU A 19 1.37 2.43 17.12
CA LEU A 19 1.56 2.71 15.70
C LEU A 19 1.24 4.18 15.40
N THR A 20 2.01 4.77 14.51
CA THR A 20 1.69 6.09 14.00
C THR A 20 0.55 6.01 12.96
N TYR A 21 0.63 5.03 12.05
CA TYR A 21 -0.35 4.90 10.97
C TYR A 21 -1.22 3.69 11.21
N ARG A 22 -2.50 3.95 11.42
CA ARG A 22 -3.53 2.93 11.50
C ARG A 22 -4.36 3.06 10.22
N GLY A 23 -4.02 2.25 9.22
CA GLY A 23 -4.49 2.53 7.88
C GLY A 23 -5.33 1.49 7.19
N ALA A 24 -5.93 1.95 6.07
CA ALA A 24 -6.62 1.08 5.12
C ALA A 24 -6.37 1.58 3.73
N ASP A 25 -6.28 0.66 2.78
CA ASP A 25 -6.35 0.98 1.35
C ASP A 25 -7.78 0.75 0.87
N ILE A 26 -8.45 1.83 0.45
CA ILE A 26 -9.84 1.71 0.01
C ILE A 26 -9.99 2.30 -1.40
N SER A 27 -9.00 2.04 -2.25
CA SER A 27 -9.00 2.55 -3.62
C SER A 27 -10.25 2.21 -4.43
N SER A 28 -10.81 1.02 -4.20
CA SER A 28 -12.00 0.57 -4.92
C SER A 28 -13.28 1.35 -4.61
N LEU A 29 -13.23 2.21 -3.62
CA LEU A 29 -14.45 2.79 -3.07
C LEU A 29 -15.31 3.49 -4.12
N LEU A 30 -14.72 4.38 -4.92
CA LEU A 30 -15.47 5.14 -5.91
C LEU A 30 -16.15 4.25 -6.98
N ILE A 31 -15.44 3.23 -7.42
CA ILE A 31 -15.98 2.23 -8.34
C ILE A 31 -17.13 1.45 -7.70
N GLU A 32 -16.93 0.99 -6.46
CA GLU A 32 -18.02 0.31 -5.78
C GLU A 32 -19.27 1.22 -5.62
N GLU A 33 -19.07 2.49 -5.22
CA GLU A 33 -20.19 3.42 -5.14
C GLU A 33 -20.90 3.57 -6.51
N ASP A 34 -20.11 3.63 -7.58
CA ASP A 34 -20.65 3.81 -8.91
C ASP A 34 -21.37 2.53 -9.38
N SER A 35 -21.15 1.43 -8.68
CA SER A 35 -21.83 0.15 -8.95
C SER A 35 -23.02 -0.04 -8.01
N GLY A 36 -23.38 1.00 -7.27
CA GLY A 36 -24.54 0.98 -6.40
C GLY A 36 -24.29 0.51 -4.97
N VAL A 37 -23.03 0.38 -4.56
CA VAL A 37 -22.72 -0.08 -3.21
C VAL A 37 -22.83 1.08 -2.22
N ALA A 38 -23.66 0.87 -1.20
CA ALA A 38 -23.69 1.71 -0.01
C ALA A 38 -23.37 0.79 1.17
N TYR A 39 -22.63 1.30 2.13
CA TYR A 39 -22.16 0.51 3.25
C TYR A 39 -22.93 0.81 4.53
N LYS A 40 -23.25 -0.22 5.29
CA LYS A 40 -23.92 -0.05 6.56
C LYS A 40 -22.91 -0.20 7.70
N ASN A 41 -22.91 0.77 8.61
CA ASN A 41 -21.94 0.77 9.71
C ASN A 41 -22.37 -0.08 10.93
N LEU A 42 -21.56 -0.03 12.01
CA LEU A 42 -21.82 -0.80 13.21
C LEU A 42 -23.06 -0.29 13.97
N ASN A 43 -23.52 0.92 13.65
CA ASN A 43 -24.78 1.43 14.18
C ASN A 43 -25.99 1.02 13.36
N GLY A 44 -25.78 0.22 12.32
CA GLY A 44 -26.86 -0.16 11.43
C GLY A 44 -27.30 0.96 10.48
N GLU A 45 -26.48 2.01 10.33
CA GLU A 45 -26.82 3.15 9.47
CA GLU A 45 -26.81 3.14 9.46
C GLU A 45 -25.97 3.14 8.20
N THR A 46 -26.57 3.59 7.09
CA THR A 46 -25.82 3.82 5.87
C THR A 46 -24.92 5.02 6.08
N GLN A 47 -23.66 4.89 5.69
CA GLN A 47 -22.66 5.92 5.93
C GLN A 47 -21.53 5.77 4.94
N ALA A 48 -20.96 6.90 4.52
CA ALA A 48 -19.82 6.90 3.61
C ALA A 48 -18.69 6.07 4.25
N PHE A 49 -18.10 5.18 3.44
CA PHE A 49 -17.12 4.21 3.95
C PHE A 49 -15.91 4.84 4.66
N GLU A 50 -15.42 5.97 4.16
CA GLU A 50 -14.26 6.61 4.76
C GLU A 50 -14.62 7.18 6.15
N LEU A 51 -15.86 7.62 6.33
CA LEU A 51 -16.31 8.07 7.65
C LEU A 51 -16.53 6.88 8.63
N ILE A 52 -16.94 5.73 8.13
CA ILE A 52 -16.98 4.54 8.96
C ILE A 52 -15.58 4.23 9.49
N LEU A 53 -14.59 4.21 8.61
CA LEU A 53 -13.22 3.95 9.03
C LEU A 53 -12.72 4.98 10.05
N ALA A 54 -12.90 6.25 9.73
CA ALA A 54 -12.40 7.33 10.57
C ALA A 54 -13.02 7.26 11.98
N ASN A 55 -14.28 6.88 12.06
CA ASN A 55 -14.95 6.77 13.36
C ASN A 55 -14.58 5.49 14.09
N ASN A 56 -13.87 4.59 13.42
CA ASN A 56 -13.47 3.34 14.04
C ASN A 56 -11.98 3.18 14.23
N GLY A 57 -11.27 4.30 14.21
CA GLY A 57 -9.90 4.33 14.61
C GLY A 57 -8.86 4.38 13.49
N VAL A 58 -9.30 4.34 12.24
CA VAL A 58 -8.37 4.47 11.12
C VAL A 58 -7.97 5.93 10.97
N ASN A 59 -6.67 6.21 10.80
CA ASN A 59 -6.23 7.62 10.70
C ASN A 59 -5.47 7.95 9.41
N SER A 60 -5.39 7.00 8.50
CA SER A 60 -4.66 7.19 7.26
C SER A 60 -5.18 6.26 6.17
N ILE A 61 -5.21 6.75 4.94
CA ILE A 61 -5.77 5.99 3.83
C ILE A 61 -4.75 5.91 2.70
N ARG A 62 -4.55 4.71 2.21
CA ARG A 62 -3.69 4.45 1.08
C ARG A 62 -4.49 4.32 -0.21
N GLN A 63 -4.00 4.94 -1.28
CA GLN A 63 -4.73 5.04 -2.55
C GLN A 63 -3.81 4.69 -3.72
N ARG A 64 -4.16 3.69 -4.53
CA ARG A 64 -3.36 3.40 -5.71
C ARG A 64 -3.66 4.37 -6.88
N ILE A 65 -2.60 4.79 -7.54
CA ILE A 65 -2.71 5.69 -8.68
C ILE A 65 -2.10 5.04 -9.93
N TRP A 66 -2.88 5.08 -11.01
CA TRP A 66 -2.50 4.60 -12.33
C TRP A 66 -2.35 5.79 -13.30
N VAL A 67 -1.49 5.63 -14.30
CA VAL A 67 -1.13 6.78 -15.14
C VAL A 67 -2.17 7.09 -16.21
N ASN A 68 -2.29 6.25 -17.23
CA ASN A 68 -3.28 6.53 -18.27
C ASN A 68 -4.17 5.33 -18.52
N PRO A 69 -4.94 4.92 -17.51
CA PRO A 69 -5.82 3.75 -17.70
C PRO A 69 -6.93 4.14 -18.68
N SER A 70 -7.30 3.22 -19.56
CA SER A 70 -8.21 3.53 -20.65
C SER A 70 -9.61 3.87 -20.15
N ASP A 71 -10.02 3.26 -19.04
CA ASP A 71 -11.34 3.52 -18.47
C ASP A 71 -11.33 4.54 -17.31
N GLY A 72 -10.19 5.18 -17.05
CA GLY A 72 -10.09 6.15 -15.97
C GLY A 72 -9.90 5.61 -14.55
N SER A 73 -9.95 4.30 -14.36
CA SER A 73 -9.82 3.70 -13.03
C SER A 73 -8.53 4.13 -12.30
N TYR A 74 -8.69 4.66 -11.10
CA TYR A 74 -7.56 4.99 -10.24
C TYR A 74 -6.66 6.04 -10.86
N ASN A 75 -7.16 6.86 -11.79
CA ASN A 75 -6.31 7.89 -12.40
C ASN A 75 -6.18 9.10 -11.47
N LEU A 76 -5.54 10.17 -11.93
CA LEU A 76 -5.27 11.32 -11.05
C LEU A 76 -6.53 12.00 -10.51
N GLU A 77 -7.48 12.26 -11.39
CA GLU A 77 -8.75 12.86 -11.00
C GLU A 77 -9.50 11.99 -9.98
N TYR A 78 -9.60 10.70 -10.28
CA TYR A 78 -10.16 9.71 -9.37
C TYR A 78 -9.58 9.86 -7.96
N ASN A 79 -8.27 9.92 -7.89
CA ASN A 79 -7.59 10.04 -6.60
C ASN A 79 -7.69 11.38 -5.88
N LEU A 80 -7.82 12.45 -6.64
CA LEU A 80 -8.03 13.75 -6.03
C LEU A 80 -9.35 13.76 -5.29
N GLU A 81 -10.39 13.21 -5.91
CA GLU A 81 -11.72 13.17 -5.26
C GLU A 81 -11.73 12.25 -4.03
N LEU A 82 -11.12 11.07 -4.15
CA LEU A 82 -11.05 10.18 -2.99
C LEU A 82 -10.24 10.83 -1.85
N ALA A 83 -9.11 11.48 -2.19
CA ALA A 83 -8.28 12.17 -1.19
C ALA A 83 -9.01 13.34 -0.51
N LYS A 84 -9.83 14.07 -1.26
CA LYS A 84 -10.62 15.14 -0.65
C LYS A 84 -11.52 14.57 0.42
N ARG A 85 -12.13 13.43 0.12
CA ARG A 85 -13.02 12.80 1.09
C ARG A 85 -12.25 12.28 2.31
N VAL A 86 -11.09 11.68 2.06
CA VAL A 86 -10.23 11.19 3.13
C VAL A 86 -9.85 12.36 4.07
N GLN A 87 -9.43 13.47 3.48
CA GLN A 87 -9.04 14.65 4.26
C GLN A 87 -10.23 15.26 5.01
N ASP A 88 -11.40 15.29 4.39
CA ASP A 88 -12.61 15.77 5.06
C ASP A 88 -12.94 14.89 6.26
N ALA A 89 -12.55 13.62 6.22
CA ALA A 89 -12.87 12.69 7.30
C ALA A 89 -11.81 12.75 8.39
N GLY A 90 -10.83 13.61 8.22
CA GLY A 90 -9.79 13.81 9.21
C GLY A 90 -8.61 12.86 9.09
N MET A 91 -8.46 12.17 7.97
CA MET A 91 -7.40 11.17 7.85
C MET A 91 -6.31 11.63 6.92
N SER A 92 -5.11 11.07 7.09
CA SER A 92 -3.97 11.40 6.20
C SER A 92 -4.00 10.58 4.92
N VAL A 93 -3.27 11.06 3.91
CA VAL A 93 -3.30 10.49 2.56
C VAL A 93 -1.94 9.88 2.17
N TYR A 94 -1.94 8.63 1.75
CA TYR A 94 -0.75 7.95 1.23
C TYR A 94 -1.02 7.60 -0.24
N LEU A 95 -0.27 8.22 -1.14
CA LEU A 95 -0.39 7.95 -2.58
C LEU A 95 0.56 6.85 -3.00
N ASP A 96 -0.01 5.76 -3.50
CA ASP A 96 0.73 4.59 -3.94
C ASP A 96 0.81 4.63 -5.46
N LEU A 97 1.89 5.21 -5.97
CA LEU A 97 2.04 5.41 -7.41
C LEU A 97 2.50 4.12 -8.04
N HIS A 98 1.63 3.51 -8.85
CA HIS A 98 1.99 2.29 -9.55
C HIS A 98 2.91 2.51 -10.74
N LEU A 99 2.92 3.74 -11.28
CA LEU A 99 3.77 4.08 -12.41
C LEU A 99 3.57 3.06 -13.54
N SER A 100 2.29 2.87 -13.86
CA SER A 100 1.81 1.95 -14.86
C SER A 100 0.36 2.35 -15.14
N ASP A 101 -0.19 1.85 -16.24
CA ASP A 101 -1.58 2.12 -16.62
C ASP A 101 -2.53 1.11 -15.99
N THR A 102 -1.97 0.10 -15.35
CA THR A 102 -2.75 -0.95 -14.71
C THR A 102 -1.91 -1.50 -13.54
N TRP A 103 -2.39 -2.56 -12.89
CA TRP A 103 -1.74 -3.15 -11.71
C TRP A 103 -0.24 -3.36 -11.88
N ALA A 104 0.53 -2.83 -10.94
CA ALA A 104 1.95 -3.04 -10.88
C ALA A 104 2.22 -3.91 -9.65
N ASP A 105 2.87 -5.04 -9.88
CA ASP A 105 3.19 -6.02 -8.84
C ASP A 105 4.47 -6.76 -9.30
N PRO A 106 4.94 -7.76 -8.54
CA PRO A 106 6.20 -8.43 -8.92
C PRO A 106 6.12 -9.19 -10.25
N GLY A 107 4.92 -9.41 -10.75
CA GLY A 107 4.73 -10.03 -12.05
C GLY A 107 4.26 -9.11 -13.17
N ASP A 108 4.13 -7.82 -12.90
CA ASP A 108 3.71 -6.86 -13.94
C ASP A 108 4.22 -5.44 -13.62
N GLN A 109 5.06 -4.90 -14.51
CA GLN A 109 5.52 -3.53 -14.34
C GLN A 109 5.57 -2.88 -15.71
N ALA A 110 4.40 -2.74 -16.34
CA ALA A 110 4.31 -2.23 -17.70
C ALA A 110 4.46 -0.71 -17.75
N THR A 111 5.34 -0.26 -18.63
CA THR A 111 5.53 1.16 -18.84
C THR A 111 4.26 1.76 -19.44
N PRO A 112 3.84 2.93 -18.93
CA PRO A 112 2.61 3.55 -19.48
C PRO A 112 2.71 3.83 -20.96
N SER A 113 1.58 3.67 -21.64
CA SER A 113 1.45 4.08 -23.02
C SER A 113 1.95 5.54 -23.20
N GLY A 114 2.87 5.72 -24.14
CA GLY A 114 3.44 7.04 -24.41
C GLY A 114 4.80 7.26 -23.79
N TRP A 115 5.15 6.52 -22.74
CA TRP A 115 6.46 6.70 -22.08
C TRP A 115 7.47 5.82 -22.76
N SER A 116 8.75 6.14 -22.57
CA SER A 116 9.79 5.46 -23.34
C SER A 116 10.12 4.05 -22.88
N THR A 117 10.26 3.16 -23.87
CA THR A 117 10.79 1.83 -23.63
C THR A 117 12.18 1.64 -24.24
N THR A 118 12.76 2.71 -24.76
CA THR A 118 14.06 2.62 -25.44
C THR A 118 15.15 3.57 -24.90
N ASP A 119 14.76 4.68 -24.27
CA ASP A 119 15.73 5.72 -23.89
C ASP A 119 15.57 6.09 -22.39
N ILE A 120 16.49 5.63 -21.57
CA ILE A 120 16.40 5.82 -20.12
C ILE A 120 16.39 7.30 -19.69
N ASP A 121 17.12 8.15 -20.42
CA ASP A 121 17.13 9.58 -20.14
C ASP A 121 15.72 10.19 -20.30
N THR A 122 15.05 9.80 -21.38
CA THR A 122 13.70 10.25 -21.64
C THR A 122 12.74 9.74 -20.57
N LEU A 123 12.85 8.46 -20.24
CA LEU A 123 11.96 7.86 -19.24
C LEU A 123 12.15 8.49 -17.87
N ALA A 124 13.41 8.72 -17.46
CA ALA A 124 13.69 9.38 -16.18
C ALA A 124 13.03 10.76 -16.12
N TRP A 125 13.15 11.55 -17.19
CA TRP A 125 12.44 12.83 -17.23
C TRP A 125 10.91 12.69 -17.21
N GLN A 126 10.36 11.65 -17.85
CA GLN A 126 8.91 11.41 -17.79
C GLN A 126 8.45 11.05 -16.37
N VAL A 127 9.24 10.27 -15.66
CA VAL A 127 8.89 9.92 -14.28
C VAL A 127 8.95 11.15 -13.36
N TYR A 128 10.01 11.93 -13.51
CA TYR A 128 10.15 13.17 -12.76
C TYR A 128 8.96 14.09 -13.04
N ASN A 129 8.69 14.37 -14.31
CA ASN A 129 7.57 15.23 -14.68
C ASN A 129 6.23 14.72 -14.08
N TYR A 130 6.04 13.41 -14.19
CA TYR A 130 4.81 12.78 -13.69
C TYR A 130 4.59 12.97 -12.19
N THR A 131 5.60 12.67 -11.38
CA THR A 131 5.39 12.71 -9.93
C THR A 131 5.28 14.17 -9.46
N LEU A 132 6.02 15.06 -10.12
CA LEU A 132 5.86 16.51 -9.90
C LEU A 132 4.43 17.00 -10.19
N ASP A 133 3.92 16.61 -11.36
CA ASP A 133 2.58 16.97 -11.78
CA ASP A 133 2.58 16.98 -11.78
C ASP A 133 1.51 16.41 -10.84
N VAL A 134 1.68 15.16 -10.38
CA VAL A 134 0.71 14.57 -9.43
C VAL A 134 0.73 15.41 -8.15
N CYS A 135 1.93 15.63 -7.61
CA CYS A 135 2.02 16.37 -6.35
C CYS A 135 1.57 17.83 -6.48
N ASN A 136 1.91 18.49 -7.56
CA ASN A 136 1.44 19.86 -7.75
C ASN A 136 -0.08 19.94 -7.97
N THR A 137 -0.67 18.88 -8.53
CA THR A 137 -2.14 18.86 -8.64
C THR A 137 -2.78 18.78 -7.25
N PHE A 138 -2.22 17.96 -6.39
CA PHE A 138 -2.68 17.92 -5.00
C PHE A 138 -2.44 19.26 -4.27
N ALA A 139 -1.27 19.88 -4.48
CA ALA A 139 -0.95 21.17 -3.83
C ALA A 139 -1.91 22.28 -4.27
N GLU A 140 -2.15 22.34 -5.56
CA GLU A 140 -3.02 23.34 -6.17
C GLU A 140 -4.44 23.24 -5.58
N ASN A 141 -4.85 22.06 -5.14
CA ASN A 141 -6.18 21.83 -4.57
C ASN A 141 -6.17 21.74 -3.06
N ASN A 142 -5.06 22.14 -2.46
CA ASN A 142 -4.95 22.20 -1.00
C ASN A 142 -5.20 20.86 -0.30
N VAL A 143 -4.67 19.79 -0.88
CA VAL A 143 -4.75 18.48 -0.26
C VAL A 143 -3.35 18.11 0.20
N ALA A 144 -3.14 18.07 1.52
CA ALA A 144 -1.83 17.65 2.05
C ALA A 144 -1.67 16.15 1.82
N VAL A 145 -0.48 15.72 1.42
CA VAL A 145 -0.25 14.28 1.38
C VAL A 145 0.90 13.89 2.29
N GLU A 146 0.68 12.79 3.00
CA GLU A 146 1.58 12.35 4.05
C GLU A 146 2.71 11.50 3.52
N ILE A 147 2.39 10.58 2.62
CA ILE A 147 3.34 9.61 2.10
C ILE A 147 3.13 9.44 0.59
N VAL A 148 4.20 9.40 -0.18
CA VAL A 148 4.12 8.87 -1.56
C VAL A 148 5.14 7.78 -1.85
N SER A 149 4.65 6.66 -2.40
CA SER A 149 5.54 5.57 -2.82
C SER A 149 5.91 5.73 -4.28
N ILE A 150 7.18 5.51 -4.59
CA ILE A 150 7.64 5.60 -5.95
C ILE A 150 7.58 4.17 -6.48
N GLY A 151 6.41 3.82 -7.00
CA GLY A 151 6.20 2.49 -7.53
C GLY A 151 5.48 1.61 -6.52
N ASN A 152 5.00 0.47 -6.99
CA ASN A 152 4.34 -0.52 -6.13
C ASN A 152 5.04 -1.88 -6.29
N GLU A 153 5.48 -2.45 -5.17
CA GLU A 153 6.16 -3.76 -5.13
C GLU A 153 7.27 -3.91 -6.18
N ILE A 154 8.33 -3.14 -5.97
CA ILE A 154 9.35 -2.87 -6.99
C ILE A 154 10.59 -3.75 -6.87
N ARG A 155 10.47 -4.87 -6.15
CA ARG A 155 11.58 -5.80 -5.98
C ARG A 155 12.11 -6.34 -7.31
N ASN A 156 11.25 -6.50 -8.31
CA ASN A 156 11.69 -6.90 -9.65
C ASN A 156 11.74 -5.70 -10.62
N GLY A 157 12.00 -4.52 -10.07
CA GLY A 157 12.05 -3.30 -10.86
C GLY A 157 10.70 -2.67 -11.12
N LEU A 158 10.70 -1.79 -12.11
CA LEU A 158 9.51 -1.03 -12.48
C LEU A 158 9.75 -0.54 -13.91
N LEU A 159 8.69 -0.09 -14.57
CA LEU A 159 8.82 0.46 -15.90
C LEU A 159 9.65 -0.43 -16.85
N HIS A 160 9.24 -1.69 -16.97
CA HIS A 160 9.90 -2.60 -17.88
C HIS A 160 9.61 -2.15 -19.31
N PRO A 161 10.56 -2.38 -20.22
CA PRO A 161 11.80 -3.12 -19.98
C PRO A 161 12.97 -2.31 -19.41
N LEU A 162 12.92 -0.99 -19.45
CA LEU A 162 14.09 -0.21 -19.03
C LEU A 162 14.43 -0.38 -17.55
N GLY A 163 13.41 -0.52 -16.70
CA GLY A 163 13.65 -0.69 -15.27
C GLY A 163 13.59 -2.12 -14.72
N SER A 164 13.97 -3.10 -15.53
CA SER A 164 14.07 -4.48 -15.09
C SER A 164 15.34 -4.70 -14.27
N THR A 165 15.42 -5.86 -13.64
CA THR A 165 16.57 -6.20 -12.83
C THR A 165 17.80 -6.56 -13.65
N ASP A 166 17.72 -6.43 -14.97
CA ASP A 166 18.93 -6.43 -15.78
C ASP A 166 19.67 -5.10 -15.69
N HIS A 167 18.96 -4.06 -15.24
CA HIS A 167 19.51 -2.71 -15.15
C HIS A 167 19.19 -2.03 -13.81
N TYR A 168 19.83 -2.48 -12.75
CA TYR A 168 19.65 -1.84 -11.45
C TYR A 168 20.10 -0.38 -11.50
N ASP A 169 21.02 -0.05 -12.40
CA ASP A 169 21.44 1.34 -12.61
C ASP A 169 20.27 2.17 -13.08
N ASN A 170 19.48 1.61 -13.99
CA ASN A 170 18.26 2.25 -14.46
C ASN A 170 17.20 2.34 -13.35
N ILE A 171 17.02 1.26 -12.59
CA ILE A 171 16.04 1.26 -11.50
C ILE A 171 16.35 2.41 -10.53
N ALA A 172 17.63 2.56 -10.17
CA ALA A 172 18.05 3.62 -9.25
C ALA A 172 17.78 5.01 -9.83
N ARG A 173 18.03 5.18 -11.11
CA ARG A 173 17.80 6.45 -11.78
C ARG A 173 16.34 6.82 -11.74
N LEU A 174 15.47 5.82 -11.95
CA LEU A 174 14.03 6.07 -12.01
C LEU A 174 13.48 6.39 -10.62
N LEU A 175 13.97 5.68 -9.61
CA LEU A 175 13.56 5.93 -8.25
C LEU A 175 14.04 7.33 -7.83
N HIS A 176 15.28 7.65 -8.19
CA HIS A 176 15.84 8.97 -7.90
C HIS A 176 14.96 10.06 -8.51
N SER A 177 14.65 9.91 -9.79
CA SER A 177 13.82 10.87 -10.51
C SER A 177 12.42 11.03 -9.94
N GLY A 178 11.77 9.92 -9.62
CA GLY A 178 10.44 9.98 -9.04
C GLY A 178 10.44 10.69 -7.70
N ALA A 179 11.43 10.34 -6.87
CA ALA A 179 11.54 10.97 -5.55
C ALA A 179 11.76 12.48 -5.61
N TRP A 180 12.58 12.95 -6.56
CA TRP A 180 12.87 14.38 -6.66
C TRP A 180 11.68 15.16 -7.26
N GLY A 181 10.86 14.47 -8.04
CA GLY A 181 9.62 15.04 -8.52
C GLY A 181 8.72 15.40 -7.36
N VAL A 182 8.70 14.55 -6.35
CA VAL A 182 7.97 14.85 -5.13
C VAL A 182 8.64 15.98 -4.35
N LYS A 183 9.96 15.91 -4.19
CA LYS A 183 10.70 16.97 -3.46
C LYS A 183 10.61 18.37 -4.09
N ASP A 184 10.40 18.42 -5.39
CA ASP A 184 10.31 19.69 -6.11
C ASP A 184 8.91 20.23 -6.22
N SER A 185 7.95 19.49 -5.67
CA SER A 185 6.56 19.92 -5.74
C SER A 185 6.26 21.06 -4.75
N SER A 186 5.14 21.74 -4.98
CA SER A 186 4.78 22.87 -4.15
C SER A 186 3.96 22.48 -2.94
N LEU A 187 3.87 21.20 -2.61
CA LEU A 187 3.17 20.83 -1.37
C LEU A 187 3.83 21.55 -0.19
N SER A 188 3.04 22.13 0.71
CA SER A 188 3.61 23.02 1.74
C SER A 188 4.48 22.26 2.74
N THR A 189 4.16 20.99 2.95
CA THR A 189 5.07 20.07 3.62
C THR A 189 5.32 18.92 2.64
N THR A 190 6.59 18.64 2.38
CA THR A 190 6.96 17.55 1.47
C THR A 190 6.56 16.22 2.07
N PRO A 191 5.88 15.37 1.28
CA PRO A 191 5.53 14.03 1.78
C PRO A 191 6.75 13.20 2.15
N LYS A 192 6.60 12.27 3.08
CA LYS A 192 7.58 11.21 3.24
C LYS A 192 7.56 10.34 1.99
N ILE A 193 8.74 10.00 1.52
CA ILE A 193 8.90 9.19 0.34
C ILE A 193 9.18 7.76 0.74
N LEU A 194 8.35 6.85 0.22
CA LEU A 194 8.42 5.46 0.62
C LEU A 194 8.79 4.55 -0.57
N PHE A 195 9.68 3.60 -0.32
CA PHE A 195 9.91 2.52 -1.28
C PHE A 195 9.26 1.24 -0.75
N HIS A 196 8.58 0.53 -1.66
CA HIS A 196 7.70 -0.59 -1.31
C HIS A 196 8.08 -1.90 -2.03
N LEU A 197 8.50 -2.90 -1.26
CA LEU A 197 8.72 -4.24 -1.81
C LEU A 197 7.71 -5.24 -1.22
N ASP A 198 7.39 -6.25 -2.01
CA ASP A 198 6.63 -7.39 -1.54
C ASP A 198 7.51 -8.30 -0.65
N ASN A 199 6.91 -9.36 -0.11
CA ASN A 199 7.63 -10.35 0.73
C ASN A 199 8.47 -9.75 1.84
N GLY A 200 7.80 -9.00 2.71
CA GLY A 200 8.48 -8.29 3.77
C GLY A 200 9.16 -9.22 4.76
N TRP A 201 8.68 -10.45 4.83
CA TRP A 201 9.22 -11.49 5.71
C TRP A 201 10.54 -12.02 5.20
N ASP A 202 10.87 -11.73 3.95
CA ASP A 202 12.10 -12.29 3.35
C ASP A 202 13.29 -11.30 3.35
N TRP A 203 14.04 -11.33 4.44
CA TRP A 203 15.13 -10.38 4.65
C TRP A 203 16.18 -10.41 3.53
N ASP A 204 16.58 -11.61 3.07
CA ASP A 204 17.62 -11.69 2.04
C ASP A 204 17.19 -11.01 0.72
N ALA A 205 15.93 -11.18 0.34
CA ALA A 205 15.37 -10.48 -0.81
C ALA A 205 15.40 -8.96 -0.62
N GLN A 206 14.99 -8.48 0.56
CA GLN A 206 14.92 -7.05 0.80
C GLN A 206 16.35 -6.45 0.71
N LYS A 207 17.26 -7.12 1.39
CA LYS A 207 18.66 -6.69 1.48
C LYS A 207 19.31 -6.62 0.12
N TYR A 208 19.07 -7.63 -0.70
CA TYR A 208 19.66 -7.67 -2.02
C TYR A 208 19.22 -6.43 -2.81
N PHE A 209 17.94 -6.08 -2.73
CA PHE A 209 17.43 -4.96 -3.52
C PHE A 209 18.04 -3.64 -3.03
N TYR A 210 17.90 -3.37 -1.75
CA TYR A 210 18.36 -2.12 -1.21
C TYR A 210 19.89 -1.97 -1.38
N ASP A 211 20.66 -3.02 -1.06
CA ASP A 211 22.11 -2.94 -1.19
C ASP A 211 22.50 -2.63 -2.63
N THR A 212 21.80 -3.24 -3.58
CA THR A 212 22.17 -3.12 -4.99
C THR A 212 21.81 -1.77 -5.64
N VAL A 213 20.62 -1.25 -5.34
CA VAL A 213 20.26 0.07 -5.87
C VAL A 213 21.12 1.16 -5.23
N LEU A 214 21.39 1.05 -3.92
CA LEU A 214 22.26 2.03 -3.26
C LEU A 214 23.72 2.01 -3.78
N ALA A 215 24.18 0.88 -4.31
CA ALA A 215 25.56 0.77 -4.77
C ALA A 215 25.76 1.33 -6.17
N THR A 216 24.69 1.63 -6.88
CA THR A 216 24.80 2.17 -8.23
C THR A 216 25.38 3.59 -8.24
N GLY A 217 25.19 4.35 -7.18
CA GLY A 217 25.64 5.75 -7.12
C GLY A 217 24.60 6.75 -7.63
N THR A 218 23.49 6.25 -8.18
CA THR A 218 22.46 7.15 -8.68
C THR A 218 21.33 7.46 -7.69
N LEU A 219 20.98 6.50 -6.85
CA LEU A 219 20.00 6.72 -5.79
C LEU A 219 20.75 7.25 -4.56
N LEU A 220 20.25 8.32 -3.96
CA LEU A 220 20.86 8.83 -2.73
C LEU A 220 20.22 8.19 -1.51
N SER A 221 21.01 8.00 -0.45
CA SER A 221 20.51 7.39 0.76
C SER A 221 19.41 8.27 1.37
N THR A 222 19.44 9.55 1.03
CA THR A 222 18.50 10.52 1.55
C THR A 222 17.25 10.63 0.67
N ASP A 223 17.22 9.91 -0.45
CA ASP A 223 16.09 10.05 -1.38
C ASP A 223 14.78 9.50 -0.83
N PHE A 224 14.83 8.53 0.08
CA PHE A 224 13.60 7.96 0.64
C PHE A 224 13.63 8.02 2.17
N ASP A 225 12.45 8.10 2.77
CA ASP A 225 12.30 8.25 4.20
C ASP A 225 11.72 7.02 4.88
N LEU A 226 10.96 6.21 4.14
CA LEU A 226 10.27 5.07 4.70
C LEU A 226 10.49 3.84 3.85
N ILE A 227 10.53 2.71 4.54
CA ILE A 227 10.57 1.41 3.89
C ILE A 227 9.25 0.71 4.19
N GLY A 228 8.51 0.39 3.15
CA GLY A 228 7.25 -0.30 3.30
C GLY A 228 7.32 -1.71 2.74
N VAL A 229 6.58 -2.63 3.35
CA VAL A 229 6.56 -4.01 2.84
C VAL A 229 5.14 -4.55 2.76
N SER A 230 4.92 -5.46 1.82
CA SER A 230 3.70 -6.27 1.87
C SER A 230 3.92 -7.44 2.82
N TYR A 231 2.85 -7.86 3.49
CA TYR A 231 2.89 -9.03 4.34
C TYR A 231 1.56 -9.75 4.36
N TYR A 232 1.53 -10.91 3.71
CA TYR A 232 0.36 -11.76 3.57
C TYR A 232 0.65 -13.16 4.09
N PRO A 233 -0.35 -13.81 4.67
CA PRO A 233 -0.16 -15.14 5.28
C PRO A 233 -0.47 -16.29 4.32
N PHE A 234 -1.02 -16.00 3.16
CA PHE A 234 -1.62 -17.05 2.34
C PHE A 234 -0.96 -17.34 0.98
N TYR A 235 0.30 -16.95 0.79
CA TYR A 235 1.00 -17.21 -0.48
C TYR A 235 2.29 -18.02 -0.30
N ASN A 236 2.61 -18.37 0.93
CA ASN A 236 3.91 -18.95 1.25
C ASN A 236 4.01 -19.22 2.73
N ALA A 237 4.30 -20.47 3.08
CA ALA A 237 4.38 -20.88 4.48
C ALA A 237 5.60 -20.31 5.20
N ASP A 238 6.57 -19.81 4.45
CA ASP A 238 7.70 -19.16 5.07
C ASP A 238 7.41 -17.78 5.66
N ALA A 239 6.22 -17.25 5.41
CA ALA A 239 5.87 -15.91 5.89
C ALA A 239 5.50 -15.87 7.39
N THR A 240 6.36 -16.44 8.23
CA THR A 240 6.11 -16.42 9.66
C THR A 240 6.23 -14.99 10.21
N LEU A 241 5.55 -14.74 11.32
CA LEU A 241 5.69 -13.47 12.03
C LEU A 241 7.12 -13.28 12.53
N SER A 242 7.75 -14.38 12.96
CA SER A 242 9.15 -14.31 13.42
C SER A 242 10.12 -13.80 12.31
N SER A 243 9.91 -14.24 11.07
CA SER A 243 10.80 -13.84 9.98
C SER A 243 10.50 -12.39 9.63
N LEU A 244 9.24 -12.00 9.67
CA LEU A 244 8.88 -10.61 9.48
C LEU A 244 9.56 -9.75 10.54
N LYS A 245 9.59 -10.22 11.78
CA LYS A 245 10.18 -9.42 12.84
C LYS A 245 11.69 -9.19 12.59
N THR A 246 12.36 -10.25 12.17
CA THR A 246 13.79 -10.18 11.88
C THR A 246 14.06 -9.27 10.68
N SER A 247 13.31 -9.47 9.62
CA SER A 247 13.43 -8.60 8.45
C SER A 247 13.20 -7.09 8.76
N LEU A 248 12.11 -6.77 9.44
CA LEU A 248 11.84 -5.38 9.80
C LEU A 248 12.97 -4.79 10.68
N THR A 249 13.41 -5.55 11.67
CA THR A 249 14.55 -5.14 12.52
C THR A 249 15.78 -4.85 11.69
N ASN A 250 16.13 -5.79 10.84
CA ASN A 250 17.27 -5.62 9.95
C ASN A 250 17.14 -4.44 8.98
N LEU A 251 15.94 -4.19 8.46
CA LEU A 251 15.75 -3.08 7.52
C LEU A 251 16.00 -1.74 8.22
N LYS A 252 15.38 -1.58 9.38
CA LYS A 252 15.50 -0.37 10.18
C LYS A 252 16.96 -0.13 10.58
N SER A 253 17.65 -1.17 11.06
CA SER A 253 19.02 -1.01 11.52
C SER A 253 20.05 -0.82 10.37
N ASN A 254 19.89 -1.57 9.28
CA ASN A 254 20.79 -1.47 8.14
C ASN A 254 20.66 -0.18 7.33
N TYR A 255 19.44 0.33 7.16
CA TYR A 255 19.27 1.44 6.23
C TYR A 255 18.82 2.71 6.92
N GLY A 256 18.57 2.63 8.23
CA GLY A 256 18.28 3.80 9.05
C GLY A 256 16.94 4.46 8.76
N LYS A 257 15.95 3.68 8.33
CA LYS A 257 14.66 4.25 7.94
C LYS A 257 13.54 3.58 8.72
N ASN A 258 12.50 4.34 9.02
CA ASN A 258 11.35 3.75 9.67
C ASN A 258 10.65 2.80 8.71
N VAL A 259 10.06 1.78 9.27
CA VAL A 259 9.52 0.68 8.49
C VAL A 259 8.03 0.51 8.79
N LEU A 260 7.28 0.03 7.80
CA LEU A 260 5.89 -0.29 8.06
C LEU A 260 5.36 -1.33 7.10
N VAL A 261 4.22 -1.89 7.45
CA VAL A 261 3.49 -2.83 6.58
C VAL A 261 2.40 -2.08 5.85
N VAL A 262 2.52 -2.00 4.52
CA VAL A 262 1.62 -1.17 3.72
C VAL A 262 0.50 -1.94 3.02
N GLU A 263 0.55 -3.26 3.12
CA GLU A 263 -0.50 -4.16 2.61
C GLU A 263 -0.54 -5.42 3.44
N THR A 264 -1.72 -5.81 3.87
CA THR A 264 -1.93 -7.12 4.49
C THR A 264 -3.43 -7.48 4.45
N ASP A 265 -3.74 -8.76 4.65
CA ASP A 265 -5.11 -9.25 4.74
C ASP A 265 -5.15 -10.53 5.56
N TRP A 266 -6.32 -10.84 6.10
CA TRP A 266 -6.57 -12.10 6.82
C TRP A 266 -8.01 -12.55 6.51
N PRO A 267 -8.20 -13.85 6.24
CA PRO A 267 -9.52 -14.32 5.78
C PRO A 267 -10.56 -14.53 6.88
N VAL A 268 -11.82 -14.21 6.58
CA VAL A 268 -12.92 -14.71 7.40
C VAL A 268 -13.35 -16.10 6.93
N GLN A 269 -13.05 -16.42 5.67
CA GLN A 269 -13.35 -17.73 5.14
C GLN A 269 -12.31 -18.14 4.12
N CYS A 270 -11.71 -19.31 4.34
CA CYS A 270 -10.72 -19.85 3.40
C CYS A 270 -10.80 -21.36 3.41
N SER A 271 -11.72 -21.92 2.62
CA SER A 271 -12.02 -23.35 2.69
C SER A 271 -10.93 -24.23 2.10
N SER A 272 -10.32 -23.78 1.00
CA SER A 272 -9.28 -24.57 0.33
C SER A 272 -8.05 -23.75 -0.02
N PRO A 273 -7.23 -23.44 1.00
CA PRO A 273 -6.01 -22.66 0.79
C PRO A 273 -5.06 -23.36 -0.17
N GLU A 274 -4.38 -22.58 -0.99
CA GLU A 274 -3.52 -23.09 -2.04
C GLU A 274 -2.16 -23.38 -1.39
N TYR A 275 -1.84 -22.63 -0.33
CA TYR A 275 -0.57 -22.78 0.37
C TYR A 275 -0.83 -22.96 1.86
N ALA A 276 0.01 -23.76 2.52
CA ALA A 276 -0.06 -23.90 3.95
C ALA A 276 0.23 -22.54 4.63
N PHE A 277 -0.53 -22.22 5.69
CA PHE A 277 -0.27 -21.01 6.46
C PHE A 277 0.97 -21.16 7.31
N PRO A 278 1.68 -20.06 7.56
CA PRO A 278 2.91 -20.11 8.35
C PRO A 278 2.69 -20.73 9.74
N SER A 279 3.72 -21.38 10.27
CA SER A 279 3.61 -22.14 11.51
C SER A 279 3.17 -21.31 12.70
N ASP A 280 3.70 -20.10 12.87
CA ASP A 280 3.30 -19.31 14.03
C ASP A 280 1.94 -18.61 13.87
N LEU A 281 1.24 -18.81 12.75
CA LEU A 281 -0.10 -18.25 12.57
C LEU A 281 -1.20 -19.31 12.44
N SER A 282 -0.83 -20.60 12.53
CA SER A 282 -1.77 -21.65 12.11
C SER A 282 -2.86 -21.92 13.15
N SER A 283 -2.72 -21.35 14.36
CA SER A 283 -3.79 -21.46 15.36
C SER A 283 -4.86 -20.34 15.26
N ILE A 284 -4.61 -19.34 14.41
CA ILE A 284 -5.57 -18.25 14.27
C ILE A 284 -6.74 -18.68 13.40
N PRO A 285 -7.97 -18.52 13.90
CA PRO A 285 -9.11 -18.93 13.07
C PRO A 285 -9.40 -18.00 11.88
N PHE A 286 -10.15 -18.54 10.91
CA PHE A 286 -10.72 -17.78 9.82
C PHE A 286 -12.09 -17.27 10.24
N SER A 287 -12.11 -16.02 10.67
CA SER A 287 -13.32 -15.37 11.14
C SER A 287 -12.97 -13.91 11.33
N ALA A 288 -13.97 -13.08 11.57
CA ALA A 288 -13.72 -11.69 11.93
C ALA A 288 -12.87 -11.55 13.19
N ASP A 289 -13.15 -12.37 14.21
CA ASP A 289 -12.32 -12.37 15.42
C ASP A 289 -10.88 -12.81 15.08
N GLY A 290 -10.74 -13.78 14.19
CA GLY A 290 -9.43 -14.17 13.71
C GLY A 290 -8.67 -13.02 13.03
N GLN A 291 -9.38 -12.21 12.23
CA GLN A 291 -8.75 -11.04 11.61
C GLN A 291 -8.16 -10.12 12.67
N GLU A 292 -8.90 -9.93 13.76
CA GLU A 292 -8.47 -9.04 14.83
C GLU A 292 -7.27 -9.61 15.58
N THR A 293 -7.29 -10.91 15.83
CA THR A 293 -6.19 -11.59 16.51
C THR A 293 -4.94 -11.47 15.67
N PHE A 294 -5.08 -11.76 14.38
CA PHE A 294 -3.95 -11.59 13.45
C PHE A 294 -3.41 -10.17 13.48
N LEU A 295 -4.27 -9.18 13.30
CA LEU A 295 -3.81 -7.79 13.31
C LEU A 295 -3.20 -7.34 14.65
N GLY A 296 -3.75 -7.80 15.76
CA GLY A 296 -3.21 -7.52 17.08
C GLY A 296 -1.80 -8.05 17.25
N ARG A 297 -1.59 -9.27 16.79
CA ARG A 297 -0.26 -9.87 16.80
C ARG A 297 0.70 -9.18 15.84
N LEU A 298 0.22 -8.80 14.65
CA LEU A 298 1.04 -8.02 13.72
C LEU A 298 1.42 -6.69 14.36
N ALA A 299 0.47 -6.02 14.99
CA ALA A 299 0.73 -4.71 15.60
C ALA A 299 1.75 -4.85 16.73
N ASP A 300 1.58 -5.87 17.58
CA ASP A 300 2.54 -6.09 18.64
C ASP A 300 3.93 -6.35 18.05
N THR A 301 3.98 -7.16 17.00
CA THR A 301 5.23 -7.46 16.33
C THR A 301 5.90 -6.17 15.85
N LEU A 302 5.14 -5.30 15.18
CA LEU A 302 5.70 -4.04 14.73
C LEU A 302 6.14 -3.17 15.90
N GLU A 303 5.31 -3.10 16.94
CA GLU A 303 5.68 -2.33 18.13
C GLU A 303 7.00 -2.81 18.70
N ASP A 304 7.16 -4.13 18.81
CA ASP A 304 8.35 -4.73 19.42
C ASP A 304 9.59 -4.22 18.74
N VAL A 305 9.46 -3.93 17.45
CA VAL A 305 10.62 -3.63 16.64
C VAL A 305 10.75 -2.12 16.33
N GLY A 306 9.80 -1.31 16.81
CA GLY A 306 9.79 0.12 16.53
C GLY A 306 9.21 0.48 15.15
N GLY A 307 8.44 -0.41 14.55
CA GLY A 307 7.75 -0.11 13.29
C GLY A 307 6.62 0.88 13.50
N VAL A 308 6.14 1.52 12.44
CA VAL A 308 5.29 2.69 12.62
C VAL A 308 3.90 2.57 11.99
N GLY A 309 3.64 1.54 11.21
CA GLY A 309 2.33 1.41 10.62
C GLY A 309 1.89 0.08 10.05
N ILE A 310 0.57 -0.02 9.91
CA ILE A 310 -0.09 -1.09 9.21
C ILE A 310 -1.25 -0.54 8.38
N TYR A 311 -1.29 -0.93 7.10
CA TYR A 311 -2.42 -0.65 6.23
C TYR A 311 -3.10 -1.96 5.82
N TYR A 312 -4.35 -2.15 6.24
CA TYR A 312 -5.17 -3.26 5.78
C TYR A 312 -5.59 -3.05 4.33
N TRP A 313 -5.41 -4.07 3.48
CA TRP A 313 -5.71 -3.88 2.05
C TRP A 313 -7.17 -4.18 1.67
N GLU A 314 -7.85 -3.14 1.16
CA GLU A 314 -9.18 -3.26 0.54
C GLU A 314 -10.26 -3.96 1.38
N PRO A 315 -10.47 -3.46 2.61
CA PRO A 315 -11.49 -4.08 3.49
C PRO A 315 -12.92 -4.07 2.96
N GLY A 316 -13.26 -3.17 2.04
CA GLY A 316 -14.61 -3.03 1.54
C GLY A 316 -14.85 -3.35 0.08
N TRP A 317 -13.94 -4.10 -0.54
CA TRP A 317 -14.08 -4.42 -1.96
C TRP A 317 -15.02 -5.65 -2.19
N VAL A 318 -16.31 -5.41 -2.01
CA VAL A 318 -17.36 -6.46 -2.00
C VAL A 318 -17.54 -7.27 -3.30
N ASP A 319 -17.23 -6.68 -4.45
CA ASP A 319 -17.25 -7.40 -5.74
C ASP A 319 -16.03 -8.33 -5.93
N ASN A 320 -15.10 -8.29 -4.98
CA ASN A 320 -13.84 -9.01 -5.12
C ASN A 320 -13.37 -9.56 -3.77
N ALA A 321 -14.26 -10.28 -3.09
CA ALA A 321 -14.04 -10.65 -1.70
C ALA A 321 -12.75 -11.46 -1.45
N GLY A 322 -12.30 -12.20 -2.44
CA GLY A 322 -11.08 -13.01 -2.31
C GLY A 322 -9.81 -12.17 -2.37
N LEU A 323 -9.95 -10.94 -2.88
CA LEU A 323 -8.84 -10.01 -3.05
C LEU A 323 -7.63 -10.60 -3.78
N GLY A 324 -7.90 -11.51 -4.72
CA GLY A 324 -6.84 -12.09 -5.53
C GLY A 324 -6.22 -13.37 -4.97
N SER A 325 -6.53 -13.70 -3.73
CA SER A 325 -5.97 -14.87 -3.12
C SER A 325 -6.84 -16.12 -3.38
N SER A 326 -6.44 -17.25 -2.82
CA SER A 326 -7.22 -18.47 -2.98
C SER A 326 -8.27 -18.60 -1.89
N CYS A 327 -8.39 -17.59 -1.02
CA CYS A 327 -9.41 -17.59 0.02
C CYS A 327 -10.71 -17.00 -0.50
N GLU A 328 -11.84 -17.46 0.01
CA GLU A 328 -13.13 -16.92 -0.42
C GLU A 328 -13.32 -15.45 -0.06
N ASP A 329 -12.86 -15.05 1.12
CA ASP A 329 -13.29 -13.77 1.69
C ASP A 329 -12.29 -13.21 2.69
N ASN A 330 -11.68 -12.07 2.34
CA ASN A 330 -10.68 -11.40 3.17
C ASN A 330 -11.16 -10.02 3.62
N LEU A 331 -12.44 -9.74 3.43
CA LEU A 331 -12.98 -8.40 3.64
C LEU A 331 -13.40 -8.15 5.08
N MET A 332 -13.64 -6.89 5.40
CA MET A 332 -14.23 -6.52 6.69
CA MET A 332 -14.23 -6.53 6.69
C MET A 332 -15.66 -6.05 6.47
N VAL A 333 -16.23 -6.42 5.32
CA VAL A 333 -17.60 -6.10 4.94
C VAL A 333 -18.20 -7.34 4.27
N ASP A 334 -19.41 -7.73 4.67
CA ASP A 334 -20.08 -8.90 4.10
C ASP A 334 -20.70 -8.51 2.77
N TRP A 335 -20.28 -9.16 1.68
CA TRP A 335 -20.79 -8.79 0.36
C TRP A 335 -22.30 -9.06 0.21
N ARG A 336 -22.83 -9.98 1.00
CA ARG A 336 -24.23 -10.37 0.89
C ARG A 336 -25.20 -9.28 1.34
N ASP A 337 -24.74 -8.40 2.24
CA ASP A 337 -25.60 -7.36 2.80
C ASP A 337 -24.90 -6.01 2.94
N ARG A 338 -23.68 -5.91 2.38
CA ARG A 338 -22.93 -4.66 2.40
C ARG A 338 -22.84 -4.03 3.80
N THR A 339 -22.68 -4.88 4.80
CA THR A 339 -22.63 -4.42 6.20
C THR A 339 -21.26 -4.74 6.78
N VAL A 340 -20.66 -3.76 7.48
CA VAL A 340 -19.33 -3.98 8.05
C VAL A 340 -19.36 -5.11 9.10
N ARG A 341 -18.26 -5.81 9.23
CA ARG A 341 -18.06 -6.79 10.30
C ARG A 341 -17.37 -6.09 11.47
N GLU A 342 -17.35 -6.74 12.61
CA GLU A 342 -16.80 -6.13 13.83
C GLU A 342 -15.30 -5.80 13.70
N SER A 343 -14.62 -6.51 12.80
CA SER A 343 -13.20 -6.31 12.59
C SER A 343 -12.89 -4.90 12.03
N ILE A 344 -13.89 -4.25 11.47
CA ILE A 344 -13.77 -2.88 10.97
C ILE A 344 -13.30 -1.93 12.08
N SER A 345 -13.55 -2.25 13.35
CA SER A 345 -13.13 -1.38 14.45
C SER A 345 -11.83 -1.82 15.11
N VAL A 346 -11.13 -2.77 14.50
CA VAL A 346 -9.96 -3.37 15.17
C VAL A 346 -8.96 -2.29 15.65
N PHE A 347 -8.72 -1.28 14.84
CA PHE A 347 -7.74 -0.25 15.22
C PHE A 347 -8.20 0.55 16.43
N GLY A 348 -9.48 0.90 16.48
CA GLY A 348 -10.04 1.54 17.66
C GLY A 348 -10.00 0.62 18.88
N ASP A 349 -10.33 -0.66 18.68
CA ASP A 349 -10.30 -1.66 19.74
C ASP A 349 -8.89 -1.68 20.36
N LEU A 350 -7.86 -1.65 19.51
CA LEU A 350 -6.46 -1.74 19.98
C LEU A 350 -6.06 -0.50 20.80
N ALA A 351 -6.50 0.68 20.39
CA ALA A 351 -6.49 1.81 21.30
C ALA A 351 -7.45 1.38 22.42
N ALA A 352 -7.85 2.28 23.30
CA ALA A 352 -8.87 1.91 24.30
C ALA A 352 -8.42 0.78 25.24
ZN ZN B . -11.97 -6.04 18.72
ZN ZN C . -23.89 -10.23 6.65
ZN ZN D . -16.85 -3.49 -8.25
ZN ZN E . 22.12 -0.95 -17.35
ZN ZN F . 14.14 14.07 0.71
ZN ZN G . 5.42 -7.73 22.33
ZN ZN H . 0.32 -6.20 -3.28
ZN ZN I . 10.29 -7.43 -17.62
ZN ZN J . 20.28 13.70 -9.10
ZN ZN K . -17.97 7.93 -9.90
ZN ZN L . 0.03 -8.70 -12.07
ZN ZN M . 14.38 -15.40 -0.10
ZN ZN N . -0.51 -1.06 19.72
ZN ZN O . 17.21 -4.48 -21.12
ZN ZN P . 18.04 10.44 -25.18
C1 NAG Q . 8.97 17.35 -18.88
C2 NAG Q . 9.11 16.96 -20.36
C3 NAG Q . 9.57 18.16 -21.22
C4 NAG Q . 8.76 19.41 -20.91
C5 NAG Q . 8.65 19.62 -19.40
C6 NAG Q . 7.74 20.80 -19.12
C7 NAG Q . 9.68 14.76 -21.16
C8 NAG Q . 10.74 13.76 -21.50
N2 NAG Q . 10.05 15.86 -20.52
O3 NAG Q . 9.45 17.87 -22.60
O4 NAG Q . 9.37 20.54 -21.51
O5 NAG Q . 8.11 18.47 -18.79
O6 NAG Q . 8.18 21.41 -17.93
O7 NAG Q . 8.51 14.54 -21.46
H1 NAG Q . 9.95 17.62 -18.47
H2 NAG Q . 8.13 16.64 -20.72
H3 NAG Q . 10.61 18.38 -20.98
H4 NAG Q . 7.76 19.28 -21.32
H5 NAG Q . 9.64 19.85 -19.02
H61 NAG Q . 6.71 20.45 -19.05
H62 NAG Q . 7.80 21.51 -19.94
H81 NAG Q . 11.70 14.13 -21.16
H82 NAG Q . 10.51 12.81 -21.02
H83 NAG Q . 10.77 13.62 -22.58
HN2 NAG Q . 11.03 16.03 -20.35
HO3 NAG Q . 9.10 16.96 -22.72
HO4 NAG Q . 10.18 20.27 -21.98
HO6 NAG Q . 8.98 20.93 -17.60
C ACT R . 1.38 -9.09 -2.65
O ACT R . 0.53 -8.27 -3.11
OXT ACT R . 2.37 -8.62 -2.03
CH3 ACT R . 1.22 -10.57 -2.83
H1 ACT R . 2.08 -10.96 -3.38
H2 ACT R . 1.16 -11.05 -1.86
H3 ACT R . 0.31 -10.77 -3.39
C ACT S . -17.94 8.71 -6.99
O ACT S . -17.57 9.86 -6.77
OXT ACT S . -17.97 8.31 -8.17
CH3 ACT S . -18.31 7.86 -5.86
H1 ACT S . -19.35 7.55 -5.96
H2 ACT S . -17.66 6.98 -5.84
H3 ACT S . -18.18 8.42 -4.93
C ACT T . 4.15 -13.13 -2.91
O ACT T . 4.57 -11.92 -3.10
OXT ACT T . 4.51 -13.81 -1.87
CH3 ACT T . 3.21 -13.72 -3.91
H1 ACT T . 3.65 -14.61 -4.35
H2 ACT T . 2.27 -13.97 -3.43
H3 ACT T . 3.02 -12.99 -4.70
C ACT U . -22.74 -8.62 8.97
O ACT U . -23.26 -9.24 8.02
OXT ACT U . -21.84 -7.84 8.68
CH3 ACT U . -23.16 -8.77 10.40
H1 ACT U . -22.32 -9.11 10.99
H2 ACT U . -23.50 -7.80 10.78
H3 ACT U . -23.97 -9.49 10.46
C ACT V . 15.29 -16.75 1.40
O ACT V . 14.13 -17.22 1.29
OXT ACT V . 16.11 -16.98 0.48
CH3 ACT V . 15.69 -15.97 2.62
H1 ACT V . 16.51 -16.46 3.12
H2 ACT V . 15.99 -14.97 2.31
H3 ACT V . 14.83 -15.90 3.29
C ACT W . 10.59 -23.27 3.52
O ACT W . 9.66 -23.65 2.77
OXT ACT W . 11.50 -22.59 2.99
CH3 ACT W . 10.60 -23.61 4.98
H1 ACT W . 11.49 -24.19 5.21
H2 ACT W . 10.59 -22.70 5.57
H3 ACT W . 9.71 -24.20 5.22
N1 IMD X . 22.07 12.63 -9.15
C2 IMD X . 22.97 13.09 -10.04
N3 IMD X . 23.93 12.14 -10.19
C4 IMD X . 23.63 11.09 -9.39
C5 IMD X . 22.44 11.40 -8.74
HN1 IMD X . 24.71 12.21 -10.77
H2 IMD X . 22.94 13.96 -10.49
HN3 IMD X . 21.26 13.12 -8.86
H4 IMD X . 21.97 10.83 -8.09
H5 IMD X . 24.14 10.26 -9.30
C1 GOL Y . -0.94 -6.00 -6.14
O1 GOL Y . 0.11 -6.56 -5.39
C2 GOL Y . -1.96 -5.47 -5.15
O2 GOL Y . -2.06 -6.38 -4.10
C3 GOL Y . -1.38 -4.19 -4.58
O3 GOL Y . -0.14 -4.57 -4.04
H11 GOL Y . -2.02 -3.78 -3.80
H12 GOL Y . -1.26 -3.44 -5.37
H2 GOL Y . -2.92 -5.28 -5.63
HO2 GOL Y . -2.35 -7.26 -4.45
H31 GOL Y . -0.58 -5.20 -6.78
H32 GOL Y . -1.40 -6.77 -6.76
C ACT Z . -15.46 8.60 -11.38
O ACT Z . -16.40 8.29 -10.64
OXT ACT Z . -15.78 9.18 -12.44
CH3 ACT Z . -14.06 8.33 -11.01
H1 ACT Z . -13.61 7.67 -11.76
H2 ACT Z . -13.50 9.26 -10.97
H3 ACT Z . -14.03 7.84 -10.04
C ACT AA . 4.92 -4.79 22.48
O ACT AA . 4.99 -5.99 22.88
OXT ACT AA . 6.00 -4.28 22.11
CH3 ACT AA . 3.65 -3.98 22.40
H1 ACT AA . 3.75 -3.10 23.04
H2 ACT AA . 3.48 -3.68 21.37
H3 ACT AA . 2.81 -4.59 22.75
C ACT BA . 5.83 -10.21 20.88
O ACT BA . 5.74 -9.06 21.35
OXT ACT BA . 5.80 -11.16 21.69
CH3 ACT BA . 6.00 -10.44 19.40
H1 ACT BA . 6.93 -10.96 19.21
H2 ACT BA . 5.17 -11.04 19.03
H3 ACT BA . 6.00 -9.48 18.88
C ACT CA . 10.17 23.56 -3.50
O ACT CA . 11.29 23.10 -3.20
OXT ACT CA . 10.00 23.96 -4.69
CH3 ACT CA . 9.06 23.61 -2.48
H1 ACT CA . 8.75 24.66 -2.35
H2 ACT CA . 8.22 23.03 -2.81
H3 ACT CA . 9.43 23.23 -1.53
C ACT DA . -10.18 -13.04 21.28
O ACT DA . -10.29 -11.93 20.66
OXT ACT DA . -10.35 -14.09 20.60
CH3 ACT DA . -9.95 -13.16 22.74
H1 ACT DA . -10.77 -13.71 23.20
H2 ACT DA . -9.02 -13.69 22.92
H3 ACT DA . -9.89 -12.16 23.18
#